data_9MUM
#
_entry.id   9MUM
#
_cell.length_a   54.500
_cell.length_b   90.000
_cell.length_c   124.940
_cell.angle_alpha   90.00
_cell.angle_beta   90.00
_cell.angle_gamma   90.00
#
_symmetry.space_group_name_H-M   'P 21 21 21'
#
loop_
_entity.id
_entity.type
_entity.pdbx_description
1 polymer 'Glutamate receptor ionotropic, NMDA 1'
2 polymer 'Glutamate receptor ionotropic, NMDA 2A'
3 non-polymer GLYCINE
4 non-polymer 'GLUTAMIC ACID'
5 non-polymer 5-[2-(3-chlorophenyl)-2,2-difluoroethoxy]-N-[1-(pyrazin-2-yl)cyclopropyl]pyrazine-2-carboxamide
6 water water
#
loop_
_entity_poly.entity_id
_entity_poly.type
_entity_poly.pdbx_seq_one_letter_code
_entity_poly.pdbx_strand_id
1 'polypeptide(L)'
;MHHHHHHENLYFQGSMSTRLKIVTIHQEPFVYVKPTLSDGTCKEEFTVNGDPVKKVICTGPNDTSPGSPRHTVPQCCYGF
CIDLLIKLARTMNFTYEVHLVADGKFGTQERVNNSNKKEWNGMMGELLSGQADMIVAPLTINNERAQYIEFSKPFKYQGL
TILVKKGTRITGINDPRLRNPSDKFIYATVKQSSVDIYFRRQVELSTMYRHMEKHNYESAAEAIQAVRDNKLHAFIWDSA
VLEFEASQKCDLVTTGELFFRSGFGIGMRKDSPWKQNVSLSILKSHENGFMEDLDKTWVRYQECDS
;
A
2 'polypeptide(L)'
;MHHHHHHENLYFQGPDDNHLSIVTLEEAPFVIVEDIDPLTETCVRNTVPCRKFVKINNSTNEGMNVKKCCKGFCIDILKK
LSRTVKFTYDLYLVTNGKHGKKVNNVWNGMIGEVVYQRAVMAVGSLTINEERSEVVDFSVPFVETGISVMVSRGTQVTGL
SDKKFQRPHDYSPPFRFGTVPNGSTERNIRNNYPYMHQYMTKFNQKGVEDALVSLKTGKLDAFIYDAAVLNYKAGRDEGC
KLVTIGSGYIFATTGYGIALQKGSPWKRQIDLALLQFVGDGEMEELETLWLTGICHN
;
B
#
loop_
_chem_comp.id
_chem_comp.type
_chem_comp.name
_chem_comp.formula
A1BRB non-polymer 5-[2-(3-chlorophenyl)-2,2-difluoroethoxy]-N-[1-(pyrazin-2-yl)cyclopropyl]pyrazine-2-carboxamide 'C20 H16 Cl F2 N5 O2'
#
# COMPACT_ATOMS: atom_id res chain seq x y z
N ARG A 19 11.96 -26.86 -2.77
CA ARG A 19 12.37 -26.09 -3.94
C ARG A 19 11.16 -25.50 -4.65
N LEU A 20 11.08 -24.16 -4.68
CA LEU A 20 9.86 -23.48 -5.11
C LEU A 20 9.93 -23.13 -6.60
N LYS A 21 8.85 -23.41 -7.31
CA LYS A 21 8.69 -23.01 -8.69
C LYS A 21 8.11 -21.59 -8.71
N ILE A 22 8.91 -20.63 -9.17
CA ILE A 22 8.51 -19.23 -9.23
C ILE A 22 8.04 -18.93 -10.63
N VAL A 23 6.88 -18.28 -10.75
CA VAL A 23 6.44 -17.80 -12.04
C VAL A 23 6.53 -16.29 -11.99
N THR A 24 6.98 -15.71 -13.09
CA THR A 24 6.99 -14.27 -13.22
C THR A 24 6.64 -13.93 -14.66
N ILE A 25 6.79 -12.65 -15.00
CA ILE A 25 6.35 -12.14 -16.28
C ILE A 25 7.28 -10.99 -16.66
N HIS A 26 7.50 -10.82 -17.96
CA HIS A 26 8.26 -9.67 -18.43
C HIS A 26 7.53 -8.36 -18.10
N GLN A 27 8.22 -7.45 -17.41
CA GLN A 27 7.60 -6.17 -17.06
C GLN A 27 8.63 -5.21 -16.46
N GLU A 28 9.30 -4.45 -17.32
CA GLU A 28 10.31 -3.51 -16.85
C GLU A 28 9.62 -2.40 -16.05
N PRO A 29 10.23 -1.92 -14.94
CA PRO A 29 11.54 -2.28 -14.40
C PRO A 29 11.49 -3.39 -13.35
N PHE A 30 10.35 -4.06 -13.21
CA PHE A 30 10.26 -5.08 -12.19
C PHE A 30 10.92 -6.38 -12.65
N VAL A 31 10.75 -6.77 -13.92
CA VAL A 31 11.37 -7.99 -14.43
C VAL A 31 11.86 -7.69 -15.84
N TYR A 32 13.19 -7.62 -16.00
CA TYR A 32 13.85 -7.60 -17.30
C TYR A 32 14.07 -9.04 -17.78
N VAL A 33 13.95 -9.27 -19.10
CA VAL A 33 14.19 -10.56 -19.72
C VAL A 33 15.12 -10.35 -20.90
N LYS A 34 16.27 -11.02 -20.88
CA LYS A 34 17.29 -10.87 -21.90
C LYS A 34 17.77 -12.25 -22.31
N PRO A 35 18.23 -12.41 -23.55
CA PRO A 35 18.79 -13.69 -23.98
C PRO A 35 20.06 -14.02 -23.21
N THR A 36 20.31 -15.32 -23.03
CA THR A 36 21.58 -15.73 -22.45
C THR A 36 22.71 -15.49 -23.44
N LEU A 37 23.94 -15.51 -22.92
CA LEU A 37 25.09 -15.52 -23.80
C LEU A 37 25.19 -16.87 -24.51
N SER A 38 26.14 -16.98 -25.47
CA SER A 38 26.27 -18.22 -26.23
C SER A 38 26.61 -19.42 -25.35
N ASP A 39 27.15 -19.18 -24.16
CA ASP A 39 27.53 -20.28 -23.28
C ASP A 39 26.49 -20.54 -22.19
N GLY A 40 25.30 -19.98 -22.33
CA GLY A 40 24.25 -20.24 -21.38
C GLY A 40 24.25 -19.37 -20.16
N THR A 41 25.26 -18.53 -19.98
CA THR A 41 25.31 -17.66 -18.80
C THR A 41 24.79 -16.27 -19.14
N CYS A 42 24.59 -15.48 -18.08
CA CYS A 42 24.04 -14.12 -18.18
C CYS A 42 25.17 -13.10 -18.05
N LYS A 43 25.15 -12.10 -18.93
CA LYS A 43 26.24 -11.13 -18.98
C LYS A 43 26.36 -10.36 -17.68
N GLU A 44 27.60 -10.12 -17.27
CA GLU A 44 27.89 -9.38 -16.03
C GLU A 44 27.60 -7.89 -16.25
N GLU A 45 26.68 -7.33 -15.47
CA GLU A 45 26.30 -5.93 -15.54
C GLU A 45 26.25 -5.34 -14.14
N PHE A 46 26.20 -4.00 -14.08
CA PHE A 46 26.26 -3.23 -12.83
C PHE A 46 25.14 -2.21 -12.76
N THR A 47 24.57 -2.04 -11.56
CA THR A 47 23.43 -1.13 -11.38
C THR A 47 23.89 0.32 -11.53
N VAL A 48 22.93 1.24 -11.35
CA VAL A 48 23.26 2.66 -11.39
C VAL A 48 24.13 3.06 -10.21
N ASN A 49 24.13 2.28 -9.14
CA ASN A 49 24.93 2.56 -7.94
C ASN A 49 26.32 1.95 -8.01
N GLY A 50 26.64 1.20 -9.06
CA GLY A 50 27.94 0.56 -9.20
C GLY A 50 28.01 -0.89 -8.75
N ASP A 51 26.96 -1.41 -8.10
CA ASP A 51 26.92 -2.77 -7.59
C ASP A 51 26.56 -3.76 -8.71
N PRO A 52 26.99 -5.02 -8.61
CA PRO A 52 26.66 -5.97 -9.67
C PRO A 52 25.16 -6.26 -9.70
N VAL A 53 24.65 -6.50 -10.90
CA VAL A 53 23.24 -6.85 -11.09
C VAL A 53 23.08 -8.34 -10.84
N LYS A 54 22.27 -8.69 -9.86
CA LYS A 54 22.00 -10.10 -9.57
C LYS A 54 21.01 -10.63 -10.61
N LYS A 55 21.44 -11.65 -11.36
CA LYS A 55 20.63 -12.26 -12.40
C LYS A 55 20.37 -13.72 -12.09
N VAL A 56 19.21 -14.20 -12.55
CA VAL A 56 18.87 -15.60 -12.41
C VAL A 56 18.51 -16.13 -13.78
N ILE A 57 18.79 -17.39 -14.02
CA ILE A 57 18.32 -18.06 -15.22
C ILE A 57 16.82 -18.30 -15.09
N CYS A 58 16.06 -17.88 -16.09
CA CYS A 58 14.62 -18.14 -16.10
C CYS A 58 14.26 -18.77 -17.43
N THR A 59 13.49 -19.85 -17.39
CA THR A 59 13.04 -20.50 -18.60
C THR A 59 11.72 -19.89 -19.07
N GLY A 60 11.52 -19.87 -20.39
CA GLY A 60 10.28 -19.42 -20.94
C GLY A 60 10.26 -19.47 -22.45
N PRO A 61 9.09 -19.21 -23.03
CA PRO A 61 8.98 -19.19 -24.49
C PRO A 61 9.56 -17.91 -25.06
N ASN A 62 9.74 -17.93 -26.38
CA ASN A 62 10.20 -16.77 -27.14
C ASN A 62 9.03 -15.89 -27.57
N SER A 68 0.55 -20.20 -31.72
CA SER A 68 1.94 -20.51 -32.01
C SER A 68 2.56 -21.40 -30.90
N PRO A 69 3.38 -22.38 -31.29
CA PRO A 69 4.09 -23.20 -30.30
C PRO A 69 4.84 -22.34 -29.29
N ARG A 70 4.99 -22.86 -28.08
CA ARG A 70 5.80 -22.23 -27.03
C ARG A 70 7.05 -23.09 -26.82
N HIS A 71 8.11 -22.77 -27.57
CA HIS A 71 9.41 -23.41 -27.39
C HIS A 71 10.11 -22.75 -26.20
N THR A 72 10.26 -23.49 -25.11
CA THR A 72 10.85 -22.96 -23.90
C THR A 72 12.38 -23.00 -23.97
N VAL A 73 13.02 -21.89 -23.63
CA VAL A 73 14.49 -21.81 -23.63
C VAL A 73 14.95 -21.02 -22.42
N PRO A 74 16.15 -21.31 -21.93
CA PRO A 74 16.70 -20.52 -20.82
C PRO A 74 17.01 -19.09 -21.22
N GLN A 75 16.71 -18.16 -20.32
CA GLN A 75 16.92 -16.73 -20.51
C GLN A 75 17.38 -16.12 -19.18
N CYS A 76 17.66 -14.81 -19.20
CA CYS A 76 18.18 -14.09 -18.05
C CYS A 76 17.12 -13.14 -17.49
N CYS A 77 16.88 -13.22 -16.18
CA CYS A 77 15.90 -12.40 -15.49
C CYS A 77 16.56 -11.57 -14.40
N TYR A 78 16.17 -10.30 -14.28
CA TYR A 78 16.66 -9.45 -13.21
C TYR A 78 15.69 -8.28 -13.06
N GLY A 79 15.88 -7.52 -11.99
CA GLY A 79 15.10 -6.32 -11.73
C GLY A 79 14.54 -6.34 -10.33
N PHE A 80 13.67 -5.36 -10.05
CA PHE A 80 13.09 -5.16 -8.72
C PHE A 80 12.50 -6.45 -8.17
N CYS A 81 11.69 -7.16 -8.98
CA CYS A 81 11.06 -8.37 -8.45
C CYS A 81 12.06 -9.51 -8.28
N ILE A 82 13.13 -9.56 -9.08
CA ILE A 82 14.11 -10.63 -8.89
C ILE A 82 14.95 -10.36 -7.66
N ASP A 83 15.33 -9.10 -7.43
CA ASP A 83 15.99 -8.73 -6.18
C ASP A 83 15.12 -9.08 -4.97
N LEU A 84 13.80 -8.81 -5.06
CA LEU A 84 12.91 -9.17 -3.95
C LEU A 84 12.90 -10.67 -3.73
N LEU A 85 12.80 -11.46 -4.81
CA LEU A 85 12.82 -12.93 -4.68
C LEU A 85 14.10 -13.38 -3.99
N ILE A 86 15.25 -12.82 -4.41
CA ILE A 86 16.52 -13.25 -3.82
C ILE A 86 16.53 -12.96 -2.33
N LYS A 87 16.04 -11.78 -1.94
CA LYS A 87 15.93 -11.40 -0.54
C LYS A 87 15.04 -12.39 0.22
N LEU A 88 13.84 -12.66 -0.30
CA LEU A 88 12.95 -13.62 0.34
C LEU A 88 13.60 -15.00 0.47
N ALA A 89 14.25 -15.46 -0.60
CA ALA A 89 14.87 -16.78 -0.57
C ALA A 89 15.99 -16.85 0.46
N ARG A 90 16.84 -15.81 0.50
CA ARG A 90 17.93 -15.78 1.47
C ARG A 90 17.40 -15.69 2.89
N THR A 91 16.34 -14.91 3.11
CA THR A 91 15.88 -14.66 4.46
C THR A 91 14.96 -15.77 5.00
N MET A 92 14.29 -16.52 4.13
CA MET A 92 13.42 -17.60 4.57
C MET A 92 14.00 -18.98 4.28
N ASN A 93 15.17 -19.05 3.64
CA ASN A 93 15.87 -20.30 3.42
C ASN A 93 15.12 -21.26 2.50
N PHE A 94 14.81 -20.84 1.27
CA PHE A 94 14.26 -21.74 0.27
C PHE A 94 15.01 -21.58 -1.04
N THR A 95 15.04 -22.64 -1.82
CA THR A 95 15.61 -22.60 -3.16
C THR A 95 14.49 -22.50 -4.18
N TYR A 96 14.86 -22.14 -5.41
CA TYR A 96 13.84 -21.78 -6.38
C TYR A 96 14.33 -22.03 -7.80
N GLU A 97 13.36 -22.21 -8.69
CA GLU A 97 13.54 -22.19 -10.14
C GLU A 97 12.52 -21.21 -10.70
N VAL A 98 12.97 -20.29 -11.56
CA VAL A 98 12.11 -19.25 -12.10
C VAL A 98 11.74 -19.58 -13.54
N HIS A 99 10.45 -19.41 -13.88
CA HIS A 99 10.05 -19.46 -15.27
C HIS A 99 9.08 -18.33 -15.57
N LEU A 100 9.00 -17.99 -16.87
CA LEU A 100 8.09 -16.98 -17.38
C LEU A 100 6.73 -17.61 -17.69
N VAL A 101 5.66 -16.91 -17.30
CA VAL A 101 4.31 -17.43 -17.49
C VAL A 101 4.11 -17.83 -18.94
N ALA A 102 3.65 -19.06 -19.15
CA ALA A 102 3.62 -19.63 -20.50
C ALA A 102 2.77 -18.80 -21.47
N ASP A 103 1.64 -18.24 -21.01
CA ASP A 103 0.75 -17.56 -21.93
C ASP A 103 0.97 -16.05 -21.94
N GLY A 104 1.97 -15.57 -21.20
CA GLY A 104 2.32 -14.17 -21.17
C GLY A 104 1.36 -13.25 -20.45
N LYS A 105 0.38 -13.77 -19.71
CA LYS A 105 -0.66 -12.94 -19.13
C LYS A 105 -0.56 -12.91 -17.60
N PHE A 106 -1.11 -11.84 -17.02
CA PHE A 106 -1.10 -11.69 -15.56
C PHE A 106 -2.10 -12.64 -14.91
N GLY A 107 -3.36 -12.61 -15.35
CA GLY A 107 -4.30 -13.58 -14.83
C GLY A 107 -5.66 -13.03 -14.51
N THR A 108 -6.66 -13.45 -15.29
CA THR A 108 -8.06 -13.16 -15.01
C THR A 108 -8.85 -14.46 -15.10
N GLN A 109 -10.06 -14.43 -14.55
CA GLN A 109 -10.97 -15.57 -14.58
C GLN A 109 -11.98 -15.33 -15.69
N GLU A 110 -11.93 -16.17 -16.73
CA GLU A 110 -12.83 -16.01 -17.88
C GLU A 110 -13.92 -17.10 -17.92
N ASN A 116 -20.65 -21.28 -18.99
CA ASN A 116 -20.95 -22.00 -17.76
C ASN A 116 -19.77 -22.03 -16.77
N LYS A 117 -18.75 -22.82 -17.08
CA LYS A 117 -17.57 -22.90 -16.24
C LYS A 117 -16.68 -21.67 -16.44
N LYS A 118 -15.86 -21.40 -15.43
CA LYS A 118 -14.88 -20.32 -15.47
C LYS A 118 -13.48 -20.88 -15.18
N GLU A 119 -12.47 -20.23 -15.75
CA GLU A 119 -11.08 -20.68 -15.65
C GLU A 119 -10.15 -19.48 -15.49
N TRP A 120 -9.05 -19.71 -14.76
CA TRP A 120 -7.99 -18.71 -14.61
C TRP A 120 -6.91 -18.93 -15.65
N ASN A 121 -6.48 -17.86 -16.28
CA ASN A 121 -5.35 -17.86 -17.20
C ASN A 121 -4.12 -17.28 -16.49
N GLY A 122 -3.05 -17.07 -17.26
CA GLY A 122 -1.90 -16.30 -16.79
C GLY A 122 -1.22 -16.91 -15.57
N MET A 123 -0.56 -16.05 -14.79
CA MET A 123 0.17 -16.53 -13.63
C MET A 123 -0.78 -17.09 -12.60
N MET A 124 -2.01 -16.56 -12.58
CA MET A 124 -2.99 -17.07 -11.63
C MET A 124 -3.31 -18.52 -11.92
N GLY A 125 -3.52 -18.84 -13.21
CA GLY A 125 -3.82 -20.22 -13.59
C GLY A 125 -2.66 -21.17 -13.28
N GLU A 126 -1.43 -20.72 -13.54
CA GLU A 126 -0.25 -21.52 -13.23
C GLU A 126 -0.10 -21.75 -11.72
N LEU A 127 -0.35 -20.72 -10.89
CA LEU A 127 -0.25 -20.95 -9.45
C LEU A 127 -1.33 -21.91 -8.96
N LEU A 128 -2.54 -21.79 -9.51
CA LEU A 128 -3.64 -22.64 -9.06
C LEU A 128 -3.51 -24.06 -9.56
N SER A 129 -2.89 -24.26 -10.73
CA SER A 129 -2.71 -25.61 -11.25
C SER A 129 -1.47 -26.30 -10.68
N GLY A 130 -0.64 -25.60 -9.92
CA GLY A 130 0.60 -26.18 -9.44
C GLY A 130 1.78 -26.05 -10.37
N GLN A 131 1.61 -25.44 -11.55
CA GLN A 131 2.75 -25.15 -12.40
C GLN A 131 3.70 -24.15 -11.74
N ALA A 132 3.21 -23.39 -10.77
CA ALA A 132 4.04 -22.53 -9.93
C ALA A 132 3.62 -22.68 -8.49
N ASP A 133 4.56 -22.40 -7.58
CA ASP A 133 4.29 -22.36 -6.15
C ASP A 133 4.20 -20.95 -5.60
N MET A 134 4.77 -19.98 -6.30
CA MET A 134 4.75 -18.60 -5.86
C MET A 134 4.80 -17.71 -7.09
N ILE A 135 4.05 -16.61 -7.05
CA ILE A 135 4.08 -15.58 -8.08
C ILE A 135 4.89 -14.42 -7.54
N VAL A 136 6.01 -14.12 -8.20
CA VAL A 136 6.83 -12.95 -7.85
C VAL A 136 6.85 -12.06 -9.09
N ALA A 137 6.01 -11.03 -9.08
CA ALA A 137 5.75 -10.17 -10.22
C ALA A 137 5.02 -8.91 -9.77
N PRO A 138 4.86 -7.89 -10.63
CA PRO A 138 3.98 -6.77 -10.27
C PRO A 138 2.50 -7.16 -10.34
N LEU A 139 2.08 -8.01 -9.41
CA LEU A 139 0.77 -8.66 -9.45
C LEU A 139 -0.21 -7.89 -8.56
N THR A 140 -1.19 -7.26 -9.18
CA THR A 140 -2.14 -6.42 -8.45
C THR A 140 -3.07 -7.24 -7.57
N ILE A 141 -3.24 -6.76 -6.34
CA ILE A 141 -4.17 -7.34 -5.38
C ILE A 141 -5.59 -6.85 -5.68
N ASN A 142 -6.51 -7.77 -5.99
CA ASN A 142 -7.91 -7.41 -6.16
C ASN A 142 -8.78 -8.50 -5.58
N ASN A 143 -10.09 -8.23 -5.51
CA ASN A 143 -11.00 -9.16 -4.86
C ASN A 143 -11.07 -10.48 -5.63
N GLU A 144 -11.13 -10.38 -6.96
CA GLU A 144 -11.23 -11.56 -7.81
C GLU A 144 -10.14 -12.57 -7.49
N ARG A 145 -8.88 -12.11 -7.48
CA ARG A 145 -7.77 -13.03 -7.24
C ARG A 145 -7.72 -13.50 -5.79
N ALA A 146 -8.02 -12.60 -4.85
CA ALA A 146 -7.94 -12.91 -3.43
C ALA A 146 -8.93 -13.97 -3.02
N GLN A 147 -10.03 -14.13 -3.76
CA GLN A 147 -10.94 -15.24 -3.53
C GLN A 147 -10.25 -16.58 -3.67
N TYR A 148 -9.23 -16.66 -4.53
CA TYR A 148 -8.65 -17.94 -4.92
C TYR A 148 -7.24 -18.16 -4.42
N ILE A 149 -6.47 -17.08 -4.14
CA ILE A 149 -5.09 -17.21 -3.71
C ILE A 149 -4.86 -16.30 -2.52
N GLU A 150 -3.70 -16.47 -1.90
CA GLU A 150 -3.27 -15.64 -0.79
C GLU A 150 -2.27 -14.61 -1.30
N PHE A 151 -2.53 -13.35 -0.99
CA PHE A 151 -1.58 -12.27 -1.27
C PHE A 151 -0.81 -11.92 0.00
N SER A 152 0.48 -11.65 -0.16
CA SER A 152 1.22 -10.96 0.87
C SER A 152 0.67 -9.54 1.09
N LYS A 153 1.06 -8.93 2.20
CA LYS A 153 0.94 -7.48 2.31
C LYS A 153 1.66 -6.84 1.13
N PRO A 154 1.22 -5.67 0.69
CA PRO A 154 1.75 -5.13 -0.58
C PRO A 154 3.24 -4.83 -0.48
N PHE A 155 3.99 -5.29 -1.48
CA PHE A 155 5.39 -4.90 -1.55
C PHE A 155 5.59 -3.61 -2.31
N LYS A 156 4.55 -3.10 -2.98
CA LYS A 156 4.65 -1.82 -3.68
C LYS A 156 3.27 -1.19 -3.74
N TYR A 157 3.18 0.08 -3.32
CA TYR A 157 1.95 0.87 -3.39
C TYR A 157 2.08 1.82 -4.57
N GLN A 158 1.06 1.86 -5.43
CA GLN A 158 1.05 2.64 -6.66
C GLN A 158 -0.39 2.84 -7.14
N GLY A 159 -0.64 2.82 -8.45
CA GLY A 159 -2.00 3.05 -8.91
C GLY A 159 -2.07 3.01 -10.41
N LEU A 160 -3.20 3.47 -10.95
CA LEU A 160 -3.38 3.49 -12.40
C LEU A 160 -3.27 4.92 -12.91
N THR A 161 -2.61 5.07 -14.05
CA THR A 161 -2.47 6.37 -14.70
C THR A 161 -2.56 6.12 -16.21
N ILE A 162 -2.36 7.18 -16.99
CA ILE A 162 -2.52 7.12 -18.44
C ILE A 162 -1.24 7.61 -19.10
N LEU A 163 -0.77 6.87 -20.09
CA LEU A 163 0.44 7.21 -20.82
C LEU A 163 0.03 7.65 -22.22
N VAL A 164 0.55 8.80 -22.67
CA VAL A 164 0.29 9.30 -24.01
C VAL A 164 1.61 9.76 -24.61
N LYS A 165 1.58 10.02 -25.92
CA LYS A 165 2.71 10.61 -26.61
C LYS A 165 2.80 12.10 -26.30
N LYS A 166 4.02 12.60 -26.12
CA LYS A 166 4.21 14.01 -25.82
C LYS A 166 3.53 14.86 -26.87
N GLY A 167 2.72 15.82 -26.42
CA GLY A 167 1.91 16.66 -27.28
C GLY A 167 0.43 16.34 -27.22
N THR A 168 0.08 15.12 -26.87
CA THR A 168 -1.32 14.74 -26.73
C THR A 168 -1.90 15.38 -25.47
N ARG A 169 -3.04 16.03 -25.61
CA ARG A 169 -3.64 16.79 -24.51
C ARG A 169 -4.92 16.10 -24.06
N ILE A 170 -4.83 15.35 -22.96
CA ILE A 170 -6.01 14.86 -22.24
C ILE A 170 -5.83 15.17 -20.77
N THR A 171 -6.94 15.49 -20.08
CA THR A 171 -6.86 15.87 -18.68
C THR A 171 -6.66 14.65 -17.78
N GLY A 172 -7.22 13.50 -18.16
CA GLY A 172 -7.16 12.33 -17.30
C GLY A 172 -8.33 11.39 -17.59
N ILE A 173 -8.69 10.62 -16.56
CA ILE A 173 -9.75 9.62 -16.73
C ILE A 173 -11.09 10.25 -17.08
N ASN A 174 -11.29 11.53 -16.80
CA ASN A 174 -12.56 12.18 -17.07
C ASN A 174 -12.56 13.00 -18.35
N ASP A 175 -11.52 12.87 -19.17
CA ASP A 175 -11.45 13.59 -20.42
C ASP A 175 -12.56 13.12 -21.37
N PRO A 176 -13.22 14.04 -22.08
CA PRO A 176 -14.27 13.63 -23.04
C PRO A 176 -13.82 12.62 -24.09
N ARG A 177 -12.56 12.61 -24.51
CA ARG A 177 -12.14 11.63 -25.50
C ARG A 177 -12.05 10.23 -24.92
N LEU A 178 -12.14 10.09 -23.60
CA LEU A 178 -12.22 8.79 -22.96
C LEU A 178 -13.64 8.43 -22.55
N ARG A 179 -14.40 9.39 -21.99
CA ARG A 179 -15.73 9.11 -21.49
C ARG A 179 -16.79 9.12 -22.60
N ASN A 180 -16.56 9.84 -23.69
CA ASN A 180 -17.43 9.80 -24.87
C ASN A 180 -16.58 9.45 -26.08
N PRO A 181 -16.17 8.20 -26.21
CA PRO A 181 -15.10 7.85 -27.14
C PRO A 181 -15.57 7.70 -28.57
N SER A 182 -14.60 7.74 -29.48
CA SER A 182 -14.81 7.49 -30.89
C SER A 182 -13.56 6.80 -31.43
N ASP A 183 -13.59 6.48 -32.70
CA ASP A 183 -12.41 5.88 -33.34
C ASP A 183 -11.32 6.91 -33.65
N LYS A 184 -11.60 8.20 -33.44
CA LYS A 184 -10.58 9.22 -33.66
C LYS A 184 -9.49 9.14 -32.61
N PHE A 185 -9.82 8.67 -31.42
CA PHE A 185 -8.89 8.59 -30.29
C PHE A 185 -9.01 7.21 -29.65
N ILE A 186 -7.98 6.40 -29.81
CA ILE A 186 -7.98 5.01 -29.39
C ILE A 186 -7.20 4.84 -28.10
N TYR A 187 -7.78 4.12 -27.14
CA TYR A 187 -7.07 3.84 -25.90
C TYR A 187 -7.33 2.39 -25.50
N ALA A 188 -6.46 1.87 -24.64
CA ALA A 188 -6.46 0.43 -24.38
C ALA A 188 -5.63 0.12 -23.14
N THR A 189 -5.74 -1.12 -22.69
CA THR A 189 -4.94 -1.65 -21.59
C THR A 189 -4.45 -3.01 -22.06
N VAL A 190 -3.98 -3.86 -21.14
CA VAL A 190 -3.45 -5.17 -21.48
C VAL A 190 -4.52 -6.22 -21.24
N LYS A 191 -4.71 -7.12 -22.21
CA LYS A 191 -5.71 -8.17 -22.04
C LYS A 191 -5.39 -9.03 -20.83
N GLN A 192 -6.44 -9.56 -20.18
CA GLN A 192 -6.29 -10.53 -19.09
C GLN A 192 -5.34 -10.03 -18.01
N SER A 193 -5.45 -8.74 -17.71
CA SER A 193 -4.75 -8.09 -16.61
C SER A 193 -5.77 -7.58 -15.59
N SER A 194 -5.25 -7.14 -14.43
CA SER A 194 -6.13 -6.57 -13.42
C SER A 194 -6.82 -5.31 -13.92
N VAL A 195 -6.18 -4.57 -14.81
CA VAL A 195 -6.73 -3.32 -15.29
C VAL A 195 -7.92 -3.58 -16.20
N ASP A 196 -7.80 -4.56 -17.10
CA ASP A 196 -8.92 -5.03 -17.90
C ASP A 196 -10.15 -5.33 -17.04
N ILE A 197 -9.93 -6.06 -15.93
CA ILE A 197 -11.04 -6.44 -15.06
C ILE A 197 -11.56 -5.24 -14.31
N TYR A 198 -10.69 -4.30 -13.96
CA TYR A 198 -11.15 -3.09 -13.30
C TYR A 198 -12.21 -2.39 -14.15
N PHE A 199 -11.98 -2.31 -15.46
CA PHE A 199 -12.96 -1.66 -16.34
C PHE A 199 -14.16 -2.57 -16.63
N ARG A 200 -13.97 -3.89 -16.65
CA ARG A 200 -15.10 -4.78 -16.90
C ARG A 200 -16.11 -4.76 -15.75
N ARG A 201 -15.63 -4.60 -14.52
CA ARG A 201 -16.47 -4.84 -13.34
C ARG A 201 -17.34 -3.63 -12.98
N GLN A 202 -16.90 -2.40 -13.25
CA GLN A 202 -17.63 -1.21 -12.84
C GLN A 202 -18.52 -0.73 -13.99
N VAL A 203 -19.84 -0.70 -13.73
CA VAL A 203 -20.79 -0.25 -14.74
C VAL A 203 -20.56 1.20 -15.10
N GLU A 204 -20.08 2.00 -14.13
CA GLU A 204 -19.76 3.40 -14.39
C GLU A 204 -18.68 3.56 -15.46
N LEU A 205 -17.90 2.52 -15.74
CA LEU A 205 -16.88 2.61 -16.78
C LEU A 205 -17.23 1.77 -18.01
N SER A 206 -18.48 1.36 -18.15
CA SER A 206 -18.83 0.44 -19.23
C SER A 206 -18.56 1.05 -20.60
N THR A 207 -18.80 2.36 -20.75
CA THR A 207 -18.53 3.00 -22.05
C THR A 207 -17.06 2.88 -22.44
N MET A 208 -16.18 3.03 -21.45
CA MET A 208 -14.75 2.86 -21.72
C MET A 208 -14.40 1.39 -21.98
N TYR A 209 -14.90 0.48 -21.15
CA TYR A 209 -14.56 -0.93 -21.32
C TYR A 209 -14.92 -1.44 -22.71
N ARG A 210 -16.05 -0.98 -23.26
CA ARG A 210 -16.47 -1.44 -24.59
C ARG A 210 -15.61 -0.86 -25.69
N HIS A 211 -15.05 0.34 -25.48
CA HIS A 211 -14.05 0.86 -26.42
C HIS A 211 -12.76 0.04 -26.32
N MET A 212 -12.26 -0.16 -25.10
CA MET A 212 -10.96 -0.79 -24.93
C MET A 212 -10.98 -2.26 -25.34
N GLU A 213 -12.13 -2.94 -25.23
CA GLU A 213 -12.23 -4.34 -25.62
C GLU A 213 -11.83 -4.55 -27.06
N LYS A 214 -12.03 -3.56 -27.92
CA LYS A 214 -11.66 -3.69 -29.31
C LYS A 214 -10.19 -3.43 -29.56
N HIS A 215 -9.44 -2.91 -28.57
CA HIS A 215 -8.07 -2.49 -28.84
C HIS A 215 -7.03 -2.95 -27.83
N ASN A 216 -7.41 -3.72 -26.82
CA ASN A 216 -6.47 -4.15 -25.79
C ASN A 216 -5.32 -4.95 -26.41
N TYR A 217 -4.13 -4.82 -25.82
CA TYR A 217 -2.89 -5.40 -26.33
C TYR A 217 -2.49 -6.65 -25.55
N GLU A 218 -1.61 -7.46 -26.15
CA GLU A 218 -1.21 -8.71 -25.50
C GLU A 218 -0.24 -8.48 -24.36
N SER A 219 0.56 -7.41 -24.43
CA SER A 219 1.51 -7.13 -23.37
C SER A 219 1.68 -5.63 -23.26
N ALA A 220 2.18 -5.19 -22.10
CA ALA A 220 2.40 -3.78 -21.85
C ALA A 220 3.45 -3.21 -22.81
N ALA A 221 4.49 -3.99 -23.13
CA ALA A 221 5.54 -3.47 -24.01
C ALA A 221 5.01 -3.19 -25.41
N GLU A 222 4.11 -4.04 -25.90
CA GLU A 222 3.49 -3.81 -27.21
C GLU A 222 2.60 -2.57 -27.19
N ALA A 223 1.93 -2.33 -26.06
CA ALA A 223 1.09 -1.15 -25.97
C ALA A 223 1.93 0.11 -25.89
N ILE A 224 3.01 0.07 -25.10
CA ILE A 224 3.91 1.23 -24.99
C ILE A 224 4.50 1.57 -26.35
N GLN A 225 5.03 0.56 -27.04
CA GLN A 225 5.55 0.78 -28.39
C GLN A 225 4.48 1.34 -29.32
N ALA A 226 3.25 0.84 -29.21
CA ALA A 226 2.18 1.35 -30.05
C ALA A 226 1.89 2.82 -29.76
N VAL A 227 2.05 3.25 -28.50
CA VAL A 227 1.89 4.67 -28.21
C VAL A 227 3.03 5.47 -28.84
N ARG A 228 4.24 4.92 -28.79
CA ARG A 228 5.41 5.59 -29.37
C ARG A 228 5.26 5.76 -30.87
N ASP A 229 4.64 4.79 -31.54
CA ASP A 229 4.46 4.79 -32.97
C ASP A 229 3.17 5.46 -33.42
N ASN A 230 2.48 6.14 -32.51
CA ASN A 230 1.23 6.84 -32.79
C ASN A 230 0.14 5.92 -33.33
N LYS A 231 0.18 4.64 -32.97
CA LYS A 231 -0.89 3.70 -33.30
C LYS A 231 -1.86 3.49 -32.15
N LEU A 232 -1.46 3.79 -30.92
CA LEU A 232 -2.33 3.84 -29.75
C LEU A 232 -2.20 5.22 -29.13
N HIS A 233 -3.33 5.85 -28.83
CA HIS A 233 -3.23 7.23 -28.36
C HIS A 233 -3.12 7.36 -26.85
N ALA A 234 -3.69 6.42 -26.09
CA ALA A 234 -3.55 6.43 -24.64
C ALA A 234 -3.53 4.99 -24.13
N PHE A 235 -2.61 4.73 -23.21
CA PHE A 235 -2.41 3.42 -22.60
C PHE A 235 -2.69 3.54 -21.11
N ILE A 236 -3.70 2.85 -20.62
CA ILE A 236 -4.07 2.91 -19.22
C ILE A 236 -3.40 1.73 -18.51
N TRP A 237 -2.55 2.01 -17.52
CA TRP A 237 -1.73 0.94 -16.95
C TRP A 237 -1.18 1.35 -15.59
N ASP A 238 -0.40 0.45 -14.98
CA ASP A 238 0.22 0.64 -13.68
C ASP A 238 1.20 1.81 -13.68
N SER A 239 1.03 2.72 -12.71
CA SER A 239 1.84 3.92 -12.68
C SER A 239 3.32 3.62 -12.43
N ALA A 240 3.63 2.60 -11.62
CA ALA A 240 5.02 2.25 -11.39
C ALA A 240 5.74 1.89 -12.68
N VAL A 241 5.01 1.31 -13.63
CA VAL A 241 5.59 1.01 -14.94
C VAL A 241 5.58 2.24 -15.85
N LEU A 242 4.41 2.87 -16.01
CA LEU A 242 4.28 4.01 -16.93
C LEU A 242 5.22 5.15 -16.57
N GLU A 243 5.32 5.47 -15.29
CA GLU A 243 6.20 6.56 -14.87
C GLU A 243 7.66 6.21 -15.13
N PHE A 244 8.03 4.94 -15.00
CA PHE A 244 9.39 4.55 -15.35
C PHE A 244 9.63 4.69 -16.84
N GLU A 245 8.67 4.22 -17.66
CA GLU A 245 8.81 4.39 -19.11
C GLU A 245 8.97 5.87 -19.48
N ALA A 246 8.18 6.75 -18.86
CA ALA A 246 8.27 8.17 -19.19
C ALA A 246 9.59 8.78 -18.74
N SER A 247 10.16 8.27 -17.64
CA SER A 247 11.44 8.78 -17.15
C SER A 247 12.59 8.38 -18.07
N GLN A 248 12.42 7.31 -18.85
CA GLN A 248 13.45 6.84 -19.76
C GLN A 248 13.24 7.32 -21.19
N LYS A 249 12.00 7.42 -21.65
CA LYS A 249 11.68 7.78 -23.03
C LYS A 249 11.01 9.16 -23.04
N CYS A 250 11.72 10.15 -23.57
CA CYS A 250 11.29 11.52 -23.40
C CYS A 250 10.13 11.92 -24.31
N ASP A 251 9.75 11.09 -25.28
CA ASP A 251 8.56 11.34 -26.08
C ASP A 251 7.30 10.70 -25.49
N LEU A 252 7.39 10.14 -24.29
CA LEU A 252 6.24 9.58 -23.59
C LEU A 252 6.01 10.36 -22.30
N VAL A 253 4.73 10.55 -21.95
CA VAL A 253 4.35 11.28 -20.75
C VAL A 253 3.12 10.64 -20.12
N THR A 254 3.04 10.70 -18.79
CA THR A 254 1.83 10.31 -18.09
C THR A 254 0.93 11.53 -17.92
N THR A 255 -0.35 11.24 -17.70
CA THR A 255 -1.35 12.28 -17.64
C THR A 255 -1.41 12.94 -16.27
N GLY A 256 -0.47 12.65 -15.39
CA GLY A 256 -0.45 13.28 -14.09
C GLY A 256 -0.49 12.29 -12.96
N GLU A 257 -1.61 12.22 -12.26
CA GLU A 257 -1.64 11.47 -11.03
C GLU A 257 -2.41 10.17 -11.21
N LEU A 258 -2.78 9.55 -10.11
CA LEU A 258 -3.48 8.27 -10.12
C LEU A 258 -4.96 8.51 -9.95
N PHE A 259 -5.76 7.88 -10.79
CA PHE A 259 -7.20 7.88 -10.61
C PHE A 259 -7.68 6.71 -9.78
N PHE A 260 -6.78 5.82 -9.36
CA PHE A 260 -7.12 4.62 -8.62
C PHE A 260 -5.87 4.10 -7.94
N ARG A 261 -5.94 3.81 -6.65
CA ARG A 261 -4.78 3.27 -5.94
C ARG A 261 -4.81 1.74 -6.03
N SER A 262 -3.63 1.15 -6.27
CA SER A 262 -3.53 -0.31 -6.26
C SER A 262 -2.13 -0.69 -5.82
N GLY A 263 -1.95 -1.97 -5.50
CA GLY A 263 -0.69 -2.44 -4.97
C GLY A 263 -0.37 -3.85 -5.45
N PHE A 264 0.91 -4.18 -5.45
CA PHE A 264 1.39 -5.48 -5.86
C PHE A 264 1.69 -6.31 -4.62
N GLY A 265 1.30 -7.59 -4.65
CA GLY A 265 1.69 -8.52 -3.62
C GLY A 265 2.22 -9.82 -4.22
N ILE A 266 3.02 -10.53 -3.41
CA ILE A 266 3.43 -11.89 -3.72
C ILE A 266 2.22 -12.82 -3.63
N GLY A 267 2.09 -13.73 -4.58
CA GLY A 267 0.95 -14.65 -4.65
C GLY A 267 1.36 -16.08 -4.34
N MET A 268 0.57 -16.73 -3.49
CA MET A 268 0.78 -18.12 -3.09
C MET A 268 -0.59 -18.79 -2.93
N ARG A 269 -0.59 -20.12 -2.98
CA ARG A 269 -1.82 -20.84 -2.71
C ARG A 269 -2.21 -20.67 -1.24
N LYS A 270 -3.51 -20.85 -0.96
CA LYS A 270 -4.00 -20.56 0.38
C LYS A 270 -3.38 -21.48 1.44
N ASP A 271 -2.92 -22.66 1.07
CA ASP A 271 -2.34 -23.60 2.02
C ASP A 271 -0.81 -23.55 2.05
N SER A 272 -0.22 -22.51 1.46
CA SER A 272 1.23 -22.41 1.44
C SER A 272 1.76 -22.28 2.87
N PRO A 273 2.77 -23.07 3.25
CA PRO A 273 3.39 -22.86 4.57
C PRO A 273 4.25 -21.62 4.63
N TRP A 274 4.60 -21.04 3.48
CA TRP A 274 5.49 -19.88 3.43
C TRP A 274 4.77 -18.55 3.59
N LYS A 275 3.43 -18.53 3.60
CA LYS A 275 2.75 -17.26 3.36
C LYS A 275 3.00 -16.24 4.48
N GLN A 276 2.96 -16.67 5.75
CA GLN A 276 3.06 -15.68 6.82
C GLN A 276 4.46 -15.09 6.90
N ASN A 277 5.49 -15.93 6.74
CA ASN A 277 6.85 -15.38 6.75
C ASN A 277 7.13 -14.53 5.54
N VAL A 278 6.54 -14.85 4.38
CA VAL A 278 6.68 -13.96 3.23
C VAL A 278 6.17 -12.57 3.56
N SER A 279 4.96 -12.50 4.15
CA SER A 279 4.35 -11.21 4.44
C SER A 279 5.13 -10.44 5.51
N LEU A 280 5.55 -11.13 6.57
CA LEU A 280 6.41 -10.51 7.57
C LEU A 280 7.67 -9.94 6.94
N SER A 281 8.29 -10.69 6.03
CA SER A 281 9.51 -10.20 5.39
C SER A 281 9.23 -8.96 4.55
N ILE A 282 8.09 -8.91 3.87
CA ILE A 282 7.76 -7.71 3.11
C ILE A 282 7.67 -6.51 4.04
N LEU A 283 6.96 -6.68 5.17
CA LEU A 283 6.83 -5.57 6.12
C LEU A 283 8.19 -5.14 6.65
N LYS A 284 9.03 -6.12 7.03
CA LYS A 284 10.37 -5.78 7.51
C LYS A 284 11.13 -4.99 6.47
N SER A 285 10.93 -5.32 5.20
CA SER A 285 11.68 -4.68 4.11
C SER A 285 11.21 -3.25 3.87
N HIS A 286 9.91 -3.01 3.98
CA HIS A 286 9.45 -1.63 3.96
C HIS A 286 10.06 -0.87 5.12
N GLU A 287 10.01 -1.47 6.31
CA GLU A 287 10.35 -0.74 7.52
C GLU A 287 11.83 -0.43 7.66
N ASN A 288 12.72 -1.30 7.16
CA ASN A 288 14.15 -1.07 7.32
C ASN A 288 14.80 -0.40 6.11
N GLY A 289 14.00 0.04 5.14
CA GLY A 289 14.53 0.75 3.99
C GLY A 289 14.92 -0.11 2.81
N PHE A 290 14.78 -1.43 2.89
CA PHE A 290 15.18 -2.28 1.78
C PHE A 290 14.35 -2.01 0.53
N MET A 291 13.01 -1.92 0.67
CA MET A 291 12.16 -1.58 -0.47
C MET A 291 12.50 -0.22 -1.04
N GLU A 292 12.83 0.75 -0.19
CA GLU A 292 13.23 2.04 -0.73
C GLU A 292 14.51 1.91 -1.55
N ASP A 293 15.49 1.13 -1.06
CA ASP A 293 16.70 0.88 -1.84
C ASP A 293 16.37 0.28 -3.21
N LEU A 294 15.51 -0.75 -3.24
CA LEU A 294 15.10 -1.28 -4.54
C LEU A 294 14.48 -0.21 -5.40
N ASP A 295 13.68 0.67 -4.78
CA ASP A 295 12.99 1.70 -5.55
C ASP A 295 14.01 2.64 -6.18
N LYS A 296 15.02 3.02 -5.43
CA LYS A 296 16.07 3.88 -5.97
C LYS A 296 16.89 3.14 -7.03
N THR A 297 17.12 1.83 -6.85
CA THR A 297 17.97 1.08 -7.76
C THR A 297 17.29 0.88 -9.12
N TRP A 298 16.01 0.53 -9.09
CA TRP A 298 15.30 0.07 -10.27
C TRP A 298 14.26 1.06 -10.80
N VAL A 299 13.66 1.89 -9.96
CA VAL A 299 12.45 2.62 -10.33
C VAL A 299 12.73 4.10 -10.59
N ARG A 300 13.43 4.78 -9.67
CA ARG A 300 13.60 6.23 -9.75
C ARG A 300 15.07 6.58 -9.99
N TYR A 301 15.40 6.99 -11.22
CA TYR A 301 16.73 7.51 -11.58
C TYR A 301 16.72 8.07 -13.00
N ASP B 17 -21.31 -14.53 19.86
CA ASP B 17 -21.64 -15.27 18.65
C ASP B 17 -21.36 -14.41 17.41
N ASN B 18 -22.40 -13.70 16.96
CA ASN B 18 -22.32 -12.77 15.85
C ASN B 18 -22.26 -11.32 16.32
N HIS B 19 -22.13 -11.12 17.62
CA HIS B 19 -22.09 -9.80 18.23
C HIS B 19 -20.70 -9.57 18.84
N LEU B 20 -19.94 -8.65 18.25
CA LEU B 20 -18.50 -8.59 18.44
C LEU B 20 -18.06 -7.37 19.25
N SER B 21 -17.10 -7.59 20.14
CA SER B 21 -16.47 -6.50 20.86
C SER B 21 -15.39 -5.86 19.98
N ILE B 22 -15.52 -4.57 19.71
CA ILE B 22 -14.63 -3.88 18.78
C ILE B 22 -14.06 -2.64 19.46
N VAL B 23 -12.74 -2.45 19.37
CA VAL B 23 -12.08 -1.32 20.02
C VAL B 23 -11.65 -0.33 18.95
N THR B 24 -11.67 0.95 19.33
CA THR B 24 -11.19 2.03 18.47
C THR B 24 -10.49 3.09 19.34
N LEU B 25 -10.14 4.20 18.72
CA LEU B 25 -9.41 5.28 19.37
C LEU B 25 -9.63 6.55 18.55
N GLU B 26 -9.79 7.69 19.22
CA GLU B 26 -10.06 8.93 18.51
C GLU B 26 -8.79 9.44 17.81
N GLU B 27 -8.92 9.76 16.53
CA GLU B 27 -7.87 10.41 15.76
C GLU B 27 -8.51 10.93 14.48
N ALA B 28 -8.86 12.22 14.46
CA ALA B 28 -9.57 12.75 13.31
C ALA B 28 -8.67 12.69 12.09
N PRO B 29 -9.22 12.47 10.89
CA PRO B 29 -10.65 12.34 10.57
C PRO B 29 -11.07 10.89 10.52
N PHE B 30 -10.23 9.99 11.04
CA PHE B 30 -10.52 8.57 10.92
C PHE B 30 -11.49 8.10 11.98
N VAL B 31 -11.38 8.63 13.19
CA VAL B 31 -12.32 8.35 14.26
C VAL B 31 -12.50 9.65 15.04
N ILE B 32 -13.74 10.15 15.11
CA ILE B 32 -14.07 11.39 15.77
C ILE B 32 -15.13 11.10 16.83
N VAL B 33 -14.91 11.59 18.05
CA VAL B 33 -15.78 11.29 19.19
C VAL B 33 -16.59 12.53 19.51
N GLU B 34 -17.90 12.37 19.69
CA GLU B 34 -18.78 13.44 20.14
C GLU B 34 -19.61 12.97 21.33
N ASP B 35 -20.17 13.94 22.06
CA ASP B 35 -21.13 13.66 23.11
C ASP B 35 -22.49 13.31 22.51
N ILE B 36 -23.35 12.71 23.33
CA ILE B 36 -24.74 12.58 22.91
C ILE B 36 -25.61 13.39 23.88
N GLU B 41 -30.43 11.02 24.23
CA GLU B 41 -29.41 10.00 24.49
C GLU B 41 -29.42 8.95 23.40
N THR B 42 -29.50 9.39 22.15
CA THR B 42 -29.45 8.49 21.00
C THR B 42 -28.52 9.10 19.96
N CYS B 43 -27.49 8.36 19.58
CA CYS B 43 -26.58 8.83 18.53
C CYS B 43 -27.34 8.97 17.22
N VAL B 44 -27.09 10.07 16.51
CA VAL B 44 -27.85 10.39 15.30
C VAL B 44 -26.91 10.57 14.11
N ARG B 45 -27.49 10.91 12.97
CA ARG B 45 -26.77 11.32 11.75
C ARG B 45 -25.79 10.21 11.36
N ASN B 46 -24.53 10.51 11.03
CA ASN B 46 -23.59 9.49 10.59
C ASN B 46 -22.79 8.91 11.74
N THR B 47 -23.28 9.01 12.98
CA THR B 47 -22.57 8.53 14.16
C THR B 47 -23.07 7.15 14.58
N VAL B 48 -22.22 6.43 15.30
CA VAL B 48 -22.56 5.12 15.86
C VAL B 48 -22.21 5.14 17.34
N PRO B 49 -22.95 4.44 18.20
CA PRO B 49 -22.63 4.49 19.62
C PRO B 49 -21.29 3.86 19.93
N CYS B 50 -20.56 4.49 20.83
CA CYS B 50 -19.29 3.98 21.31
C CYS B 50 -19.18 4.38 22.78
N ARG B 51 -18.66 3.48 23.60
CA ARG B 51 -18.56 3.74 25.02
C ARG B 51 -17.10 4.00 25.39
N LYS B 52 -16.92 4.76 26.47
CA LYS B 52 -15.60 5.09 27.00
C LYS B 52 -15.66 4.91 28.51
N PHE B 53 -14.79 4.07 29.02
CA PHE B 53 -14.68 3.81 30.46
C PHE B 53 -13.97 4.99 31.10
N VAL B 54 -14.64 5.67 32.02
CA VAL B 54 -14.10 6.85 32.68
C VAL B 54 -13.98 6.56 34.18
N LYS B 55 -12.79 6.78 34.74
CA LYS B 55 -12.55 6.44 36.13
C LYS B 55 -13.24 7.41 37.06
N ILE B 56 -13.66 6.91 38.23
CA ILE B 56 -14.28 7.78 39.21
C ILE B 56 -13.23 8.65 39.89
N ASN B 57 -12.11 8.04 40.28
CA ASN B 57 -11.00 8.75 40.88
C ASN B 57 -9.73 7.91 40.72
N ASN B 58 -8.62 8.44 41.22
CA ASN B 58 -7.33 7.79 41.04
C ASN B 58 -6.90 6.96 42.24
N SER B 59 -7.72 6.93 43.28
CA SER B 59 -7.53 6.01 44.38
C SER B 59 -8.45 4.80 44.28
N THR B 60 -8.98 4.52 43.08
CA THR B 60 -9.91 3.42 42.92
C THR B 60 -9.76 2.82 41.53
N ASN B 61 -10.25 1.58 41.40
CA ASN B 61 -10.40 0.93 40.10
C ASN B 61 -11.78 1.12 39.53
N GLU B 62 -12.68 1.73 40.29
CA GLU B 62 -14.06 1.90 39.88
C GLU B 62 -14.13 2.90 38.74
N GLY B 63 -14.96 2.60 37.75
CA GLY B 63 -15.18 3.50 36.63
C GLY B 63 -16.62 3.36 36.17
N MET B 64 -16.98 4.17 35.16
CA MET B 64 -18.32 4.13 34.57
C MET B 64 -18.20 4.23 33.06
N ASN B 65 -19.01 3.46 32.34
CA ASN B 65 -19.00 3.51 30.88
C ASN B 65 -19.84 4.69 30.43
N VAL B 66 -19.19 5.70 29.87
CA VAL B 66 -19.90 6.84 29.33
C VAL B 66 -20.32 6.54 27.90
N LYS B 67 -21.58 6.85 27.58
CA LYS B 67 -22.09 6.63 26.24
C LYS B 67 -21.75 7.85 25.39
N LYS B 68 -20.99 7.63 24.32
CA LYS B 68 -20.70 8.69 23.37
C LYS B 68 -21.03 8.22 21.96
N CYS B 69 -20.69 9.03 20.96
CA CYS B 69 -20.98 8.75 19.56
C CYS B 69 -19.72 8.96 18.74
N CYS B 70 -19.49 8.05 17.79
CA CYS B 70 -18.29 8.00 16.98
C CYS B 70 -18.65 8.14 15.52
N LYS B 71 -17.85 8.92 14.78
CA LYS B 71 -17.97 9.02 13.34
C LYS B 71 -16.58 9.17 12.73
N GLY B 72 -16.51 9.11 11.41
CA GLY B 72 -15.29 9.33 10.68
C GLY B 72 -15.05 8.26 9.63
N PHE B 73 -13.94 8.42 8.90
CA PHE B 73 -13.63 7.52 7.79
C PHE B 73 -13.62 6.06 8.23
N CYS B 74 -12.93 5.76 9.35
CA CYS B 74 -12.85 4.35 9.73
C CYS B 74 -14.16 3.86 10.31
N ILE B 75 -15.00 4.75 10.84
CA ILE B 75 -16.32 4.35 11.31
C ILE B 75 -17.21 4.01 10.13
N ASP B 76 -17.12 4.78 9.03
CA ASP B 76 -17.86 4.44 7.82
C ASP B 76 -17.41 3.11 7.22
N ILE B 77 -16.13 2.76 7.38
CA ILE B 77 -15.64 1.45 6.93
C ILE B 77 -16.23 0.35 7.78
N LEU B 78 -16.25 0.55 9.11
CA LEU B 78 -16.86 -0.42 10.01
C LEU B 78 -18.34 -0.60 9.71
N LYS B 79 -19.06 0.49 9.47
CA LYS B 79 -20.47 0.35 9.07
C LYS B 79 -20.60 -0.53 7.84
N LYS B 80 -19.79 -0.29 6.81
CA LYS B 80 -19.87 -1.08 5.59
C LYS B 80 -19.58 -2.55 5.86
N LEU B 81 -18.49 -2.82 6.59
CA LEU B 81 -18.16 -4.20 6.96
C LEU B 81 -19.29 -4.84 7.77
N SER B 82 -19.85 -4.11 8.73
CA SER B 82 -20.96 -4.65 9.52
C SER B 82 -22.13 -5.05 8.62
N ARG B 83 -22.50 -4.19 7.67
CA ARG B 83 -23.58 -4.51 6.75
C ARG B 83 -23.20 -5.67 5.82
N THR B 84 -21.98 -5.68 5.30
CA THR B 84 -21.60 -6.61 4.25
C THR B 84 -21.22 -7.99 4.81
N VAL B 85 -20.34 -8.02 5.81
CA VAL B 85 -19.95 -9.28 6.43
C VAL B 85 -21.04 -9.81 7.36
N LYS B 86 -22.00 -8.96 7.73
CA LYS B 86 -23.18 -9.34 8.51
C LYS B 86 -22.83 -9.66 9.96
N PHE B 87 -22.43 -8.62 10.71
CA PHE B 87 -22.23 -8.77 12.15
C PHE B 87 -22.74 -7.52 12.84
N THR B 88 -22.94 -7.65 14.15
CA THR B 88 -23.24 -6.52 15.02
C THR B 88 -22.09 -6.35 16.00
N TYR B 89 -22.07 -5.21 16.68
CA TYR B 89 -20.88 -4.87 17.45
C TYR B 89 -21.22 -3.92 18.58
N ASP B 90 -20.36 -3.94 19.61
CA ASP B 90 -20.36 -2.97 20.70
C ASP B 90 -19.00 -2.30 20.65
N LEU B 91 -18.98 -1.06 20.18
CA LEU B 91 -17.76 -0.31 19.96
C LEU B 91 -17.35 0.41 21.23
N TYR B 92 -16.05 0.37 21.54
CA TYR B 92 -15.57 1.06 22.73
C TYR B 92 -14.20 1.66 22.46
N LEU B 93 -13.86 2.68 23.23
CA LEU B 93 -12.62 3.43 23.08
C LEU B 93 -11.58 2.88 24.03
N VAL B 94 -10.37 2.62 23.52
CA VAL B 94 -9.33 2.07 24.37
C VAL B 94 -8.97 3.08 25.45
N THR B 95 -8.72 2.57 26.67
CA THR B 95 -8.25 3.43 27.76
C THR B 95 -6.87 3.04 28.29
N ASN B 96 -6.32 1.92 27.87
CA ASN B 96 -5.02 1.44 28.29
C ASN B 96 -4.03 1.72 27.16
N GLY B 97 -3.53 2.95 27.12
CA GLY B 97 -2.63 3.34 26.05
C GLY B 97 -3.40 3.81 24.82
N LYS B 98 -2.71 3.77 23.68
CA LYS B 98 -3.25 4.35 22.45
C LYS B 98 -3.31 3.33 21.32
N HIS B 99 -2.52 3.51 20.26
CA HIS B 99 -2.56 2.59 19.13
C HIS B 99 -1.99 1.23 19.51
N GLY B 100 -0.79 1.23 20.11
CA GLY B 100 -0.19 0.00 20.59
C GLY B 100 1.31 0.09 20.81
N LYS B 101 1.76 -0.34 21.97
CA LYS B 101 3.19 -0.42 22.24
C LYS B 101 3.45 -1.61 23.14
N LYS B 102 4.53 -2.33 22.84
CA LYS B 102 4.96 -3.43 23.69
C LYS B 102 5.81 -2.89 24.83
N VAL B 103 5.35 -3.09 26.07
CA VAL B 103 6.02 -2.59 27.26
C VAL B 103 6.34 -3.78 28.16
N ASN B 104 7.63 -4.00 28.42
CA ASN B 104 8.07 -5.15 29.20
C ASN B 104 7.45 -6.43 28.65
N ASN B 105 7.38 -6.51 27.32
CA ASN B 105 6.92 -7.68 26.57
C ASN B 105 5.41 -7.89 26.67
N VAL B 106 4.65 -6.83 26.95
CA VAL B 106 3.19 -6.87 27.06
C VAL B 106 2.62 -5.76 26.20
N TRP B 107 1.73 -6.12 25.26
CA TRP B 107 1.15 -5.14 24.36
C TRP B 107 0.04 -4.32 25.02
N ASN B 108 0.10 -3.01 24.88
CA ASN B 108 -0.99 -2.17 25.36
C ASN B 108 -1.75 -1.58 24.17
N GLY B 109 -2.67 -0.67 24.44
CA GLY B 109 -3.32 0.02 23.35
C GLY B 109 -4.34 -0.87 22.64
N MET B 110 -4.72 -0.44 21.43
CA MET B 110 -5.66 -1.24 20.64
C MET B 110 -5.08 -2.62 20.32
N ILE B 111 -3.77 -2.70 20.06
CA ILE B 111 -3.18 -4.00 19.82
C ILE B 111 -3.34 -4.89 21.04
N GLY B 112 -3.11 -4.32 22.23
CA GLY B 112 -3.24 -5.11 23.45
C GLY B 112 -4.64 -5.65 23.65
N GLU B 113 -5.67 -4.82 23.39
CA GLU B 113 -7.06 -5.25 23.55
C GLU B 113 -7.34 -6.45 22.68
N VAL B 114 -6.76 -6.49 21.48
CA VAL B 114 -6.94 -7.64 20.59
C VAL B 114 -6.12 -8.83 21.09
N VAL B 115 -4.83 -8.60 21.39
CA VAL B 115 -3.96 -9.70 21.84
C VAL B 115 -4.58 -10.42 23.03
N TYR B 116 -5.11 -9.65 23.98
CA TYR B 116 -5.65 -10.23 25.20
C TYR B 116 -7.14 -10.52 25.09
N GLN B 117 -7.68 -10.55 23.86
CA GLN B 117 -9.03 -11.07 23.58
C GLN B 117 -10.13 -10.30 24.30
N ARG B 118 -9.90 -9.01 24.56
CA ARG B 118 -10.98 -8.15 25.03
C ARG B 118 -11.75 -7.52 23.88
N ALA B 119 -11.15 -7.47 22.71
CA ALA B 119 -11.81 -7.09 21.47
C ALA B 119 -11.57 -8.17 20.42
N VAL B 120 -12.55 -8.31 19.54
CA VAL B 120 -12.46 -9.22 18.42
C VAL B 120 -11.73 -8.55 17.27
N MET B 121 -11.82 -7.22 17.18
CA MET B 121 -11.03 -6.49 16.20
C MET B 121 -10.84 -5.07 16.69
N ALA B 122 -9.83 -4.41 16.12
CA ALA B 122 -9.50 -3.02 16.37
C ALA B 122 -9.63 -2.27 15.07
N VAL B 123 -10.29 -1.11 15.11
CA VAL B 123 -10.67 -0.36 13.93
C VAL B 123 -10.25 1.08 14.15
N GLY B 124 -9.36 1.58 13.32
CA GLY B 124 -9.03 2.99 13.41
C GLY B 124 -7.77 3.29 12.62
N SER B 125 -7.06 4.32 13.06
CA SER B 125 -5.82 4.74 12.38
C SER B 125 -4.64 3.91 12.89
N LEU B 126 -4.76 2.60 12.68
CA LEU B 126 -3.86 1.61 13.28
C LEU B 126 -2.88 1.12 12.22
N THR B 127 -1.60 1.45 12.39
CA THR B 127 -0.60 1.17 11.35
C THR B 127 -0.17 -0.30 11.37
N ILE B 128 -0.14 -0.92 10.19
CA ILE B 128 0.35 -2.29 10.01
C ILE B 128 1.88 -2.27 10.09
N ASN B 129 2.46 -3.04 11.01
CA ASN B 129 3.92 -3.22 10.96
C ASN B 129 4.29 -4.64 11.37
N GLU B 130 5.58 -4.95 11.26
CA GLU B 130 6.01 -6.33 11.43
C GLU B 130 5.77 -6.83 12.86
N GLU B 131 6.19 -6.06 13.87
CA GLU B 131 6.12 -6.56 15.23
C GLU B 131 4.69 -6.75 15.68
N ARG B 132 3.77 -5.87 15.26
CA ARG B 132 2.35 -6.07 15.57
C ARG B 132 1.79 -7.29 14.85
N SER B 133 2.22 -7.51 13.60
CA SER B 133 1.74 -8.66 12.86
C SER B 133 2.17 -9.97 13.49
N GLU B 134 3.18 -9.93 14.36
CA GLU B 134 3.61 -11.14 15.05
C GLU B 134 2.61 -11.56 16.12
N VAL B 135 1.75 -10.64 16.58
CA VAL B 135 0.81 -10.95 17.66
C VAL B 135 -0.65 -10.80 17.24
N VAL B 136 -0.99 -10.03 16.21
CA VAL B 136 -2.34 -9.98 15.68
C VAL B 136 -2.27 -10.23 14.18
N ASP B 137 -3.42 -10.59 13.60
CA ASP B 137 -3.60 -10.58 12.16
C ASP B 137 -4.13 -9.22 11.73
N PHE B 138 -3.72 -8.78 10.55
CA PHE B 138 -4.23 -7.54 9.97
C PHE B 138 -4.99 -7.87 8.68
N SER B 139 -6.08 -7.12 8.44
CA SER B 139 -6.70 -7.09 7.13
C SER B 139 -5.73 -6.53 6.10
N VAL B 140 -6.15 -6.54 4.84
CA VAL B 140 -5.45 -5.77 3.81
C VAL B 140 -5.46 -4.31 4.24
N PRO B 141 -4.42 -3.53 3.96
CA PRO B 141 -4.47 -2.10 4.24
C PRO B 141 -5.55 -1.43 3.41
N PHE B 142 -6.15 -0.37 3.97
CA PHE B 142 -7.15 0.39 3.22
C PHE B 142 -6.97 1.91 3.32
N VAL B 143 -5.95 2.40 4.03
CA VAL B 143 -5.50 3.77 3.92
C VAL B 143 -3.97 3.74 3.86
N GLU B 144 -3.40 4.35 2.82
CA GLU B 144 -1.95 4.38 2.67
C GLU B 144 -1.33 5.22 3.76
N THR B 145 -0.33 4.68 4.46
CA THR B 145 0.35 5.54 5.40
C THR B 145 1.82 5.14 5.46
N GLY B 146 2.50 5.64 6.47
CA GLY B 146 3.91 5.45 6.67
C GLY B 146 4.43 6.61 7.50
N ILE B 147 5.62 7.07 7.18
CA ILE B 147 6.25 8.13 7.95
C ILE B 147 6.50 9.30 7.02
N SER B 148 5.87 10.45 7.32
CA SER B 148 6.15 11.69 6.61
C SER B 148 6.73 12.71 7.58
N VAL B 149 7.17 13.83 7.04
CA VAL B 149 7.79 14.92 7.80
C VAL B 149 7.02 16.19 7.47
N MET B 150 6.49 16.85 8.48
CA MET B 150 5.77 18.09 8.24
C MET B 150 6.65 19.26 8.68
N VAL B 151 6.75 20.28 7.82
CA VAL B 151 7.57 21.46 8.08
C VAL B 151 6.82 22.71 7.63
N SER B 152 7.37 23.87 7.97
CA SER B 152 6.91 25.10 7.35
C SER B 152 7.37 25.16 5.89
N ARG B 153 6.54 25.73 5.04
CA ARG B 153 6.83 25.75 3.61
C ARG B 153 8.21 26.35 3.36
N GLY B 154 9.00 25.68 2.52
CA GLY B 154 10.33 26.12 2.15
C GLY B 154 11.47 25.48 2.92
N THR B 155 11.19 24.75 3.99
CA THR B 155 12.27 24.15 4.78
C THR B 155 13.07 23.16 3.94
N GLN B 156 14.38 23.34 3.95
CA GLN B 156 15.27 22.53 3.11
C GLN B 156 15.62 21.26 3.88
N VAL B 157 14.86 20.21 3.63
CA VAL B 157 15.10 18.89 4.21
C VAL B 157 14.77 17.85 3.15
N THR B 158 15.67 16.89 2.96
CA THR B 158 15.44 15.91 1.90
C THR B 158 14.45 14.83 2.34
N GLY B 159 14.50 14.42 3.60
CA GLY B 159 13.85 13.19 4.01
C GLY B 159 14.38 12.76 5.36
N LEU B 160 14.01 11.53 5.75
CA LEU B 160 14.52 11.01 7.03
C LEU B 160 16.02 10.83 7.00
N SER B 161 16.57 10.58 5.81
CA SER B 161 17.99 10.40 5.60
C SER B 161 18.77 11.70 5.65
N ASP B 162 18.10 12.85 5.67
CA ASP B 162 18.81 14.12 5.72
C ASP B 162 19.76 14.15 6.91
N LYS B 163 20.97 14.67 6.68
CA LYS B 163 21.96 14.74 7.74
C LYS B 163 21.47 15.57 8.92
N LYS B 164 20.56 16.52 8.68
CA LYS B 164 20.06 17.33 9.80
C LYS B 164 19.32 16.46 10.81
N PHE B 165 18.68 15.39 10.33
CA PHE B 165 18.01 14.42 11.21
C PHE B 165 18.99 13.37 11.69
N GLN B 166 19.83 12.86 10.79
CA GLN B 166 20.68 11.72 11.10
C GLN B 166 21.81 12.10 12.03
N ARG B 167 22.40 13.29 11.82
CA ARG B 167 23.54 13.76 12.62
C ARG B 167 23.24 15.16 13.12
N PRO B 168 22.21 15.32 13.96
CA PRO B 168 21.72 16.67 14.28
C PRO B 168 22.73 17.59 14.92
N HIS B 169 23.69 17.07 15.67
CA HIS B 169 24.68 17.95 16.29
C HIS B 169 25.82 18.32 15.34
N ASP B 170 25.74 17.94 14.08
CA ASP B 170 26.64 18.50 13.08
C ASP B 170 26.26 19.92 12.71
N TYR B 171 25.13 20.45 13.20
CA TYR B 171 24.67 21.77 12.83
C TYR B 171 24.51 22.64 14.08
N SER B 172 24.87 23.92 13.98
CA SER B 172 24.68 24.88 15.06
C SER B 172 23.84 26.05 14.58
N PRO B 173 22.65 26.28 15.16
CA PRO B 173 21.96 25.46 16.16
C PRO B 173 21.46 24.17 15.51
N PRO B 174 21.27 23.12 16.29
CA PRO B 174 20.76 21.86 15.71
C PRO B 174 19.29 21.99 15.35
N PHE B 175 18.89 21.15 14.40
CA PHE B 175 17.51 21.05 13.97
C PHE B 175 16.63 20.54 15.10
N ARG B 176 15.49 21.18 15.30
CA ARG B 176 14.55 20.77 16.33
C ARG B 176 13.43 19.98 15.67
N PHE B 177 13.34 18.70 16.01
CA PHE B 177 12.31 17.85 15.41
C PHE B 177 11.87 16.80 16.42
N GLY B 178 10.58 16.44 16.36
CA GLY B 178 10.04 15.47 17.30
C GLY B 178 8.89 14.69 16.69
N THR B 179 8.44 13.66 17.41
CA THR B 179 7.25 12.90 17.06
C THR B 179 6.33 12.85 18.28
N VAL B 180 5.15 12.23 18.13
CA VAL B 180 4.34 11.81 19.26
C VAL B 180 4.79 10.39 19.64
N PRO B 181 5.28 10.17 20.86
CA PRO B 181 5.94 8.90 21.17
C PRO B 181 4.95 7.74 21.29
N ASN B 182 5.53 6.54 21.31
CA ASN B 182 4.90 5.25 21.63
C ASN B 182 4.03 4.65 20.54
N GLY B 183 4.03 5.18 19.32
CA GLY B 183 3.36 4.54 18.21
C GLY B 183 4.34 3.99 17.18
N SER B 184 3.78 3.65 16.01
CA SER B 184 4.57 2.98 14.99
C SER B 184 5.71 3.85 14.49
N THR B 185 5.53 5.18 14.48
CA THR B 185 6.57 6.06 13.98
C THR B 185 7.79 6.05 14.91
N GLU B 186 7.58 6.19 16.22
CA GLU B 186 8.72 6.17 17.13
C GLU B 186 9.41 4.81 17.12
N ARG B 187 8.63 3.74 17.07
CA ARG B 187 9.22 2.40 16.98
C ARG B 187 10.17 2.29 15.80
N ASN B 188 9.74 2.75 14.64
CA ASN B 188 10.56 2.65 13.44
C ASN B 188 11.84 3.48 13.57
N ILE B 189 11.72 4.71 14.06
CA ILE B 189 12.89 5.55 14.22
C ILE B 189 13.86 4.95 15.23
N ARG B 190 13.33 4.46 16.36
CA ARG B 190 14.18 3.85 17.36
C ARG B 190 14.94 2.65 16.79
N ASN B 191 14.30 1.89 15.91
CA ASN B 191 14.99 0.73 15.34
C ASN B 191 16.01 1.13 14.28
N ASN B 192 15.69 2.09 13.41
CA ASN B 192 16.52 2.34 12.24
C ASN B 192 17.61 3.38 12.49
N TYR B 193 17.36 4.39 13.34
CA TYR B 193 18.27 5.53 13.51
C TYR B 193 18.51 5.82 14.99
N PRO B 194 19.38 5.04 15.64
CA PRO B 194 19.49 5.16 17.10
C PRO B 194 19.93 6.53 17.57
N TYR B 195 20.88 7.18 16.89
CA TYR B 195 21.31 8.50 17.35
C TYR B 195 20.21 9.54 17.17
N MET B 196 19.57 9.57 16.00
CA MET B 196 18.42 10.46 15.80
C MET B 196 17.37 10.26 16.87
N HIS B 197 17.04 9.00 17.18
CA HIS B 197 15.98 8.74 18.13
C HIS B 197 16.31 9.27 19.52
N GLN B 198 17.51 8.99 20.02
CA GLN B 198 17.84 9.49 21.36
C GLN B 198 17.92 11.02 21.38
N TYR B 199 18.29 11.64 20.25
CA TYR B 199 18.28 13.09 20.20
C TYR B 199 16.86 13.62 20.25
N MET B 200 15.93 12.88 19.64
CA MET B 200 14.57 13.35 19.35
C MET B 200 13.74 13.43 20.61
N THR B 201 14.03 12.58 21.59
CA THR B 201 13.08 12.37 22.69
C THR B 201 12.82 13.66 23.45
N LYS B 202 13.81 14.57 23.54
CA LYS B 202 13.54 15.83 24.21
C LYS B 202 12.51 16.67 23.47
N PHE B 203 12.20 16.36 22.20
CA PHE B 203 11.17 17.08 21.48
C PHE B 203 9.86 16.28 21.37
N ASN B 204 9.70 15.23 22.18
CA ASN B 204 8.45 14.47 22.19
C ASN B 204 7.26 15.42 22.34
N GLN B 205 6.23 15.19 21.53
CA GLN B 205 5.01 15.98 21.53
C GLN B 205 3.86 15.15 22.10
N LYS B 206 3.07 15.76 22.98
CA LYS B 206 2.00 15.01 23.64
C LYS B 206 0.92 14.58 22.66
N GLY B 207 0.72 15.33 21.60
CA GLY B 207 -0.24 14.93 20.59
C GLY B 207 -0.07 15.77 19.35
N VAL B 208 -0.87 15.45 18.33
CA VAL B 208 -0.72 16.11 17.05
C VAL B 208 -1.01 17.60 17.18
N GLU B 209 -2.03 17.97 17.96
CA GLU B 209 -2.40 19.38 18.02
C GLU B 209 -1.29 20.22 18.66
N ASP B 210 -0.68 19.73 19.75
CA ASP B 210 0.47 20.41 20.33
C ASP B 210 1.58 20.57 19.30
N ALA B 211 1.85 19.52 18.52
CA ALA B 211 2.97 19.58 17.57
C ALA B 211 2.73 20.62 16.49
N LEU B 212 1.52 20.67 15.93
CA LEU B 212 1.19 21.70 14.96
C LEU B 212 1.38 23.09 15.57
N VAL B 213 0.97 23.28 16.83
CA VAL B 213 1.18 24.58 17.45
C VAL B 213 2.67 24.89 17.57
N SER B 214 3.47 23.90 17.99
CA SER B 214 4.92 24.11 18.07
C SER B 214 5.51 24.50 16.73
N LEU B 215 5.08 23.81 15.66
CA LEU B 215 5.54 24.16 14.32
C LEU B 215 5.19 25.60 13.98
N LYS B 216 3.92 25.96 14.15
CA LYS B 216 3.48 27.28 13.68
C LYS B 216 4.13 28.41 14.47
N THR B 217 4.44 28.19 15.75
CA THR B 217 5.05 29.24 16.55
C THR B 217 6.57 29.17 16.56
N GLY B 218 7.17 28.29 15.78
CA GLY B 218 8.62 28.28 15.65
C GLY B 218 9.36 27.63 16.78
N LYS B 219 8.68 26.82 17.59
CA LYS B 219 9.34 26.07 18.64
C LYS B 219 9.81 24.70 18.16
N LEU B 220 9.35 24.27 16.99
CA LEU B 220 9.76 23.03 16.38
C LEU B 220 10.04 23.31 14.91
N ASP B 221 11.08 22.69 14.36
CA ASP B 221 11.41 22.80 12.95
C ASP B 221 10.73 21.75 12.08
N ALA B 222 10.58 20.52 12.58
CA ALA B 222 9.95 19.44 11.84
C ALA B 222 9.14 18.55 12.77
N PHE B 223 8.07 17.96 12.25
CA PHE B 223 7.21 17.05 12.98
C PHE B 223 7.13 15.77 12.17
N ILE B 224 7.68 14.68 12.72
CA ILE B 224 7.74 13.37 12.05
C ILE B 224 6.59 12.52 12.57
N TYR B 225 5.74 12.02 11.68
CA TYR B 225 4.51 11.39 12.16
C TYR B 225 3.85 10.61 11.02
N ASP B 226 2.80 9.87 11.39
CA ASP B 226 1.98 9.07 10.50
C ASP B 226 1.59 9.85 9.25
N ALA B 227 1.86 9.24 8.09
CA ALA B 227 1.74 9.98 6.83
C ALA B 227 0.31 10.38 6.54
N ALA B 228 -0.67 9.51 6.83
CA ALA B 228 -2.03 9.85 6.45
C ALA B 228 -2.57 11.02 7.29
N VAL B 229 -2.26 11.05 8.59
CA VAL B 229 -2.69 12.18 9.42
C VAL B 229 -2.01 13.47 8.98
N LEU B 230 -0.70 13.43 8.71
CA LEU B 230 -0.03 14.64 8.24
C LEU B 230 -0.61 15.12 6.92
N ASN B 231 -0.92 14.18 6.02
CA ASN B 231 -1.54 14.56 4.76
C ASN B 231 -2.87 15.27 5.00
N TYR B 232 -3.66 14.75 5.94
CA TYR B 232 -4.93 15.38 6.28
C TYR B 232 -4.73 16.79 6.83
N LYS B 233 -3.81 16.94 7.77
CA LYS B 233 -3.60 18.25 8.41
C LYS B 233 -2.99 19.26 7.43
N ALA B 234 -2.07 18.81 6.57
CA ALA B 234 -1.53 19.69 5.55
C ALA B 234 -2.65 20.19 4.63
N GLY B 235 -3.60 19.31 4.28
CA GLY B 235 -4.68 19.69 3.40
C GLY B 235 -5.64 20.70 3.99
N ARG B 236 -5.71 20.80 5.32
CA ARG B 236 -6.63 21.72 5.98
C ARG B 236 -5.90 22.78 6.79
N ASP B 237 -4.62 23.03 6.51
CA ASP B 237 -3.88 24.03 7.27
C ASP B 237 -4.20 25.44 6.81
N GLU B 238 -4.43 26.33 7.78
CA GLU B 238 -4.80 27.70 7.46
C GLU B 238 -3.66 28.41 6.75
N GLY B 239 -3.95 28.93 5.55
CA GLY B 239 -2.95 29.54 4.71
C GLY B 239 -2.03 28.56 4.03
N CYS B 240 -2.22 27.26 4.24
CA CYS B 240 -1.39 26.21 3.68
C CYS B 240 0.10 26.49 3.92
N LYS B 241 0.40 26.86 5.16
CA LYS B 241 1.80 27.13 5.52
C LYS B 241 2.56 25.85 5.85
N LEU B 242 1.90 24.84 6.39
CA LEU B 242 2.56 23.62 6.83
C LEU B 242 2.37 22.54 5.78
N VAL B 243 3.47 21.91 5.37
CA VAL B 243 3.48 20.97 4.26
C VAL B 243 4.25 19.72 4.66
N THR B 244 3.99 18.64 3.94
CA THR B 244 4.82 17.46 4.03
C THR B 244 5.92 17.56 3.00
N ILE B 245 7.10 17.04 3.32
CA ILE B 245 8.25 17.21 2.44
C ILE B 245 8.18 16.22 1.29
N GLY B 246 8.84 16.58 0.19
CA GLY B 246 8.87 15.75 -0.99
C GLY B 246 7.52 15.61 -1.67
N SER B 247 6.67 16.62 -1.57
CA SER B 247 5.30 16.58 -2.10
C SER B 247 4.54 15.38 -1.53
N GLY B 248 4.60 15.23 -0.21
CA GLY B 248 3.94 14.11 0.44
C GLY B 248 4.68 12.80 0.32
N TYR B 249 6.00 12.79 0.46
CA TYR B 249 6.72 11.53 0.40
C TYR B 249 6.47 10.73 1.68
N ILE B 250 6.54 9.41 1.54
CA ILE B 250 6.28 8.47 2.64
C ILE B 250 7.46 7.51 2.74
N PHE B 251 8.11 7.48 3.90
CA PHE B 251 9.08 6.43 4.17
C PHE B 251 8.36 5.25 4.82
N ALA B 252 8.81 4.04 4.49
CA ALA B 252 8.26 2.79 5.03
C ALA B 252 6.75 2.71 4.76
N THR B 253 6.42 2.70 3.46
CA THR B 253 5.02 2.64 3.05
C THR B 253 4.35 1.43 3.68
N THR B 254 3.15 1.65 4.21
CA THR B 254 2.32 0.62 4.79
C THR B 254 0.87 1.13 4.69
N GLY B 255 0.00 0.60 5.53
CA GLY B 255 -1.37 1.09 5.54
C GLY B 255 -1.96 0.93 6.93
N TYR B 256 -3.08 1.60 7.16
CA TYR B 256 -3.93 1.21 8.28
C TYR B 256 -4.56 -0.14 7.98
N GLY B 257 -4.65 -1.00 9.00
CA GLY B 257 -5.37 -2.24 8.87
C GLY B 257 -6.33 -2.46 10.03
N ILE B 258 -7.26 -3.38 9.82
CA ILE B 258 -8.12 -3.88 10.89
C ILE B 258 -7.33 -4.96 11.61
N ALA B 259 -7.12 -4.83 12.92
CA ALA B 259 -6.41 -5.85 13.66
C ALA B 259 -7.39 -6.89 14.18
N LEU B 260 -7.04 -8.17 14.01
CA LEU B 260 -7.87 -9.27 14.48
C LEU B 260 -7.02 -10.26 15.26
N GLN B 261 -7.69 -11.09 16.06
CA GLN B 261 -6.95 -12.10 16.81
C GLN B 261 -6.26 -13.06 15.84
N LYS B 262 -5.10 -13.55 16.23
CA LYS B 262 -4.39 -14.53 15.41
C LYS B 262 -5.29 -15.71 15.15
N GLY B 263 -5.46 -16.04 13.87
CA GLY B 263 -6.33 -17.14 13.48
C GLY B 263 -7.80 -16.76 13.42
N SER B 264 -8.11 -15.47 13.37
CA SER B 264 -9.50 -15.03 13.40
C SER B 264 -10.30 -15.64 12.25
N PRO B 265 -11.52 -16.11 12.50
CA PRO B 265 -12.39 -16.55 11.40
C PRO B 265 -13.03 -15.42 10.64
N TRP B 266 -12.81 -14.17 11.04
CA TRP B 266 -13.40 -13.03 10.35
C TRP B 266 -12.45 -12.44 9.31
N LYS B 267 -11.17 -12.84 9.32
CA LYS B 267 -10.18 -12.13 8.53
C LYS B 267 -10.48 -12.24 7.04
N ARG B 268 -10.72 -13.45 6.54
CA ARG B 268 -10.93 -13.65 5.12
C ARG B 268 -12.14 -12.84 4.62
N GLN B 269 -13.24 -12.85 5.38
CA GLN B 269 -14.42 -12.12 4.93
C GLN B 269 -14.19 -10.60 4.96
N ILE B 270 -13.45 -10.12 5.96
CA ILE B 270 -13.17 -8.69 6.04
C ILE B 270 -12.30 -8.25 4.87
N ASP B 271 -11.24 -9.03 4.58
CA ASP B 271 -10.37 -8.78 3.44
C ASP B 271 -11.16 -8.73 2.14
N LEU B 272 -11.96 -9.77 1.86
CA LEU B 272 -12.72 -9.78 0.61
C LEU B 272 -13.67 -8.61 0.53
N ALA B 273 -14.31 -8.24 1.66
CA ALA B 273 -15.22 -7.10 1.65
C ALA B 273 -14.48 -5.80 1.35
N LEU B 274 -13.34 -5.57 2.01
CA LEU B 274 -12.56 -4.36 1.73
C LEU B 274 -12.18 -4.30 0.25
N LEU B 275 -11.69 -5.42 -0.29
CA LEU B 275 -11.32 -5.45 -1.70
C LEU B 275 -12.52 -5.27 -2.60
N GLN B 276 -13.69 -5.73 -2.17
CA GLN B 276 -14.89 -5.47 -2.96
C GLN B 276 -15.22 -3.98 -2.96
N PHE B 277 -15.17 -3.33 -1.79
CA PHE B 277 -15.41 -1.90 -1.72
C PHE B 277 -14.48 -1.14 -2.64
N VAL B 278 -13.20 -1.53 -2.66
CA VAL B 278 -12.23 -0.91 -3.55
C VAL B 278 -12.63 -1.10 -5.01
N GLY B 279 -12.84 -2.35 -5.41
CA GLY B 279 -13.07 -2.66 -6.81
C GLY B 279 -14.33 -2.05 -7.36
N ASP B 280 -15.37 -1.90 -6.54
CA ASP B 280 -16.64 -1.37 -6.99
C ASP B 280 -16.75 0.14 -6.84
N GLY B 281 -15.67 0.83 -6.50
CA GLY B 281 -15.72 2.27 -6.42
C GLY B 281 -16.24 2.85 -5.12
N GLU B 282 -16.62 2.02 -4.16
CA GLU B 282 -17.20 2.53 -2.93
C GLU B 282 -16.20 3.28 -2.06
N MET B 283 -14.90 3.01 -2.20
CA MET B 283 -13.95 3.67 -1.31
C MET B 283 -13.75 5.13 -1.72
N GLU B 284 -13.85 5.45 -3.01
CA GLU B 284 -13.67 6.82 -3.46
C GLU B 284 -14.63 7.76 -2.74
N GLU B 285 -15.88 7.31 -2.54
CA GLU B 285 -16.85 8.11 -1.82
C GLU B 285 -16.37 8.45 -0.41
N LEU B 286 -15.85 7.45 0.33
CA LEU B 286 -15.37 7.71 1.68
C LEU B 286 -14.17 8.64 1.68
N GLU B 287 -13.24 8.45 0.75
CA GLU B 287 -12.08 9.33 0.65
C GLU B 287 -12.52 10.77 0.39
N THR B 288 -13.43 10.96 -0.57
CA THR B 288 -13.91 12.31 -0.88
C THR B 288 -14.63 12.93 0.31
N LEU B 289 -15.46 12.13 0.98
CA LEU B 289 -16.20 12.62 2.14
C LEU B 289 -15.28 13.10 3.25
N TRP B 290 -14.25 12.31 3.60
CA TRP B 290 -13.49 12.54 4.84
C TRP B 290 -12.07 13.08 4.64
N LEU B 291 -11.42 12.83 3.51
CA LEU B 291 -9.98 13.00 3.41
C LEU B 291 -9.55 14.14 2.49
N THR B 292 -10.48 14.86 1.88
CA THR B 292 -10.13 15.95 0.97
C THR B 292 -9.68 17.17 1.76
N GLY B 293 -8.86 18.00 1.13
CA GLY B 293 -8.38 19.21 1.75
C GLY B 293 -8.20 20.31 0.73
N ILE B 294 -8.35 21.55 1.19
CA ILE B 294 -8.27 22.70 0.30
C ILE B 294 -6.85 22.89 -0.23
N CYS B 295 -5.85 22.52 0.56
CA CYS B 295 -4.48 22.70 0.11
C CYS B 295 -4.07 21.51 -0.78
N GLY C . -0.57 -5.30 -12.30
CA GLY C . -1.29 -5.86 -13.42
C GLY C . -1.93 -7.17 -13.07
O GLY C . -2.68 -7.77 -13.85
OXT GLY C . -1.74 -7.65 -11.96
N GLU D . -0.72 5.11 13.31
CA GLU D . 0.30 5.03 14.36
C GLU D . 0.21 3.70 15.06
O GLU D . -0.63 2.88 14.70
CB GLU D . 0.15 6.16 15.38
CG GLU D . 0.86 7.42 15.03
CD GLU D . 2.33 7.25 14.74
OE1 GLU D . 3.09 6.78 15.62
OE2 GLU D . 2.76 7.60 13.62
OXT GLU D . 0.95 3.45 16.01
C10 A1BRB E . -5.32 7.12 0.98
C11 A1BRB E . -6.58 7.61 0.71
C13 A1BRB E . -7.42 1.17 -1.32
C14 A1BRB E . -6.87 0.55 -2.43
C16 A1BRB E . -6.82 -1.45 -1.30
C17 A1BRB E . -7.37 -0.83 -0.19
C2 A1BRB E . -7.73 2.60 -1.33
C20 A1BRB E . -5.47 -3.10 -2.13
C21 A1BRB E . -4.10 -2.94 -1.50
C24 A1BRB E . -3.79 -1.49 -1.46
C25 A1BRB E . -3.20 -0.85 -2.55
C26 A1BRB E . -2.92 0.52 -2.49
C27 A1BRB E . -3.24 1.26 -1.35
C28 A1BRB E . -3.82 0.61 -0.26
C30 A1BRB E . -4.10 -0.76 -0.31
C4 A1BRB E . -8.43 4.54 -0.02
C5 A1BRB E . -9.52 5.15 -0.89
C6 A1BRB E . -9.77 4.94 0.57
C7 A1BRB E . -7.32 5.47 0.33
C8 A1BRB E . -6.05 4.99 0.60
F22 A1BRB E . -4.14 -3.52 -0.25
F23 A1BRB E . -3.19 -3.62 -2.24
N12 A1BRB E . -7.61 6.79 0.38
N15 A1BRB E . -6.58 -0.76 -2.44
N18 A1BRB E . -7.67 0.49 -0.18
N3 A1BRB E . -8.11 3.14 -0.11
N9 A1BRB E . -5.02 5.81 0.93
O1 A1BRB E . -7.62 3.24 -2.37
O19 A1BRB E . -6.54 -2.80 -1.23
CL29 A1BRB E . -4.23 1.46 1.19
#